data_5H2Z
#
_entry.id   5H2Z
#
_cell.length_a   90.875
_cell.length_b   90.875
_cell.length_c   123.170
_cell.angle_alpha   90.00
_cell.angle_beta   90.00
_cell.angle_gamma   120.00
#
_symmetry.space_group_name_H-M   'P 32 2 1'
#
loop_
_entity.id
_entity.type
_entity.pdbx_description
1 polymer 'Dihydroorotate dehydrogenase (quinone), mitochondrial'
2 non-polymer 'FLAVIN MONONUCLEOTIDE'
3 non-polymer 'OROTIC ACID'
4 non-polymer 'SULFATE ION'
5 non-polymer 'ACETATE ION'
6 non-polymer 'methyl (2Z)-3-azanyl-2-[3-(4-bromophenyl)-4-oxidanylidene-1,3-thiazolidin-2-ylidene]propanoate'
7 water water
#
_entity_poly.entity_id   1
_entity_poly.type   'polypeptide(L)'
_entity_poly.pdbx_seq_one_letter_code
;MGHHHHHHHHHHSSGHIDDDDKHMATGDERFYAEHLMPTLQGLLDPESAHRLAVRFTSLGLLPRARFQDSDMLEVRVLGH
KFRNPVGIAAGFDKHGEAVDGLYKMGFGFVEIGSVTPKPQEGNPRPRVFRLPEDQAVINRYGFNSHGLSVVEHRLRARQQ
KQAKLTEDGLPLGVNLGKNKTSVDAAEDYAEGVRVLGPLADYLVVNVSSPNTAGLRSLQGKAELRRLLTKVLQERDGLRR
VHRPAVLVKIAPDLTSQDKEDIASVVKELGIDGLIVTNTTVSRPAGLQGALRSETGGLSGKPLRDLSTQTIREMYALTQG
RVPIIGVGGVSSGQDALEKIRAGASLVQLYTALTFWGPPVVGKVKRELEALLKEQGFGGVTDAIGADHRR
;
_entity_poly.pdbx_strand_id   A
#
loop_
_chem_comp.id
_chem_comp.type
_chem_comp.name
_chem_comp.formula
7GF non-polymer 'methyl (2Z)-3-azanyl-2-[3-(4-bromophenyl)-4-oxidanylidene-1,3-thiazolidin-2-ylidene]propanoate' 'C13 H13 Br N2 O3 S'
ACT non-polymer 'ACETATE ION' 'C2 H3 O2 -1'
FMN non-polymer 'FLAVIN MONONUCLEOTIDE' 'C17 H21 N4 O9 P'
ORO non-polymer 'OROTIC ACID' 'C5 H4 N2 O4'
SO4 non-polymer 'SULFATE ION' 'O4 S -2'
#
# COMPACT_ATOMS: atom_id res chain seq x y z
N THR A 26 18.69 8.63 15.14
CA THR A 26 18.10 9.54 16.14
C THR A 26 17.71 8.90 17.51
N GLY A 27 17.54 9.85 18.43
CA GLY A 27 17.02 9.67 19.80
C GLY A 27 15.60 9.16 19.77
N ASP A 28 14.75 9.81 18.95
CA ASP A 28 13.36 9.39 18.75
C ASP A 28 13.38 7.97 18.19
N GLU A 29 14.26 7.62 17.22
CA GLU A 29 14.20 6.27 16.58
C GLU A 29 14.42 5.20 17.64
N ARG A 30 15.51 5.36 18.47
CA ARG A 30 15.69 4.45 19.58
C ARG A 30 14.59 4.36 20.67
N PHE A 31 14.10 5.53 21.06
CA PHE A 31 13.10 5.55 22.10
C PHE A 31 11.84 4.85 21.64
N TYR A 32 11.46 5.05 20.37
CA TYR A 32 10.22 4.38 19.85
C TYR A 32 10.43 2.89 19.75
N ALA A 33 11.60 2.56 19.20
CA ALA A 33 11.87 1.14 18.91
C ALA A 33 12.15 0.34 20.16
N GLU A 34 12.82 0.95 21.14
CA GLU A 34 13.23 0.19 22.34
C GLU A 34 12.27 0.35 23.51
N HIS A 35 11.52 1.45 23.57
CA HIS A 35 10.64 1.69 24.71
C HIS A 35 9.15 1.82 24.40
N LEU A 36 8.83 2.76 23.55
CA LEU A 36 7.41 3.10 23.34
C LEU A 36 6.68 1.95 22.67
N MET A 37 7.19 1.50 21.52
CA MET A 37 6.43 0.46 20.82
C MET A 37 6.36 -0.88 21.56
N PRO A 38 7.48 -1.37 22.19
CA PRO A 38 7.35 -2.60 22.98
C PRO A 38 6.34 -2.41 24.17
N THR A 39 6.27 -1.24 24.72
CA THR A 39 5.33 -0.97 25.80
C THR A 39 3.94 -1.05 25.31
N LEU A 40 3.66 -0.41 24.17
CA LEU A 40 2.35 -0.49 23.57
C LEU A 40 1.95 -1.92 23.29
N GLN A 41 2.88 -2.70 22.77
CA GLN A 41 2.65 -4.10 22.47
C GLN A 41 2.41 -4.97 23.70
N GLY A 42 3.13 -4.64 24.74
CA GLY A 42 2.89 -5.31 26.04
C GLY A 42 1.56 -5.00 26.66
N LEU A 43 0.98 -3.84 26.42
CA LEU A 43 -0.27 -3.47 27.03
C LEU A 43 -1.51 -3.77 26.21
N LEU A 44 -1.43 -3.80 24.86
CA LEU A 44 -2.60 -3.80 23.99
C LEU A 44 -2.46 -4.91 22.93
N ASP A 45 -3.58 -5.58 22.69
CA ASP A 45 -3.66 -6.56 21.60
C ASP A 45 -3.45 -5.72 20.30
N PRO A 46 -3.12 -6.37 19.16
CA PRO A 46 -2.77 -5.57 18.00
C PRO A 46 -3.93 -4.79 17.39
N GLU A 47 -5.11 -5.30 17.42
CA GLU A 47 -6.27 -4.51 16.94
C GLU A 47 -6.50 -3.26 17.76
N SER A 48 -6.46 -3.39 19.08
CA SER A 48 -6.55 -2.18 19.92
C SER A 48 -5.47 -1.18 19.73
N ALA A 49 -4.22 -1.68 19.61
CA ALA A 49 -3.15 -0.81 19.38
C ALA A 49 -3.29 -0.06 18.05
N HIS A 50 -3.74 -0.79 17.00
CA HIS A 50 -3.97 -0.10 15.74
C HIS A 50 -5.03 1.04 15.81
N ARG A 51 -6.12 0.68 16.47
CA ARG A 51 -7.15 1.71 16.62
C ARG A 51 -6.61 2.92 17.36
N LEU A 52 -5.84 2.73 18.41
CA LEU A 52 -5.22 3.86 19.13
C LEU A 52 -4.30 4.65 18.26
N ALA A 53 -3.46 3.90 17.41
CA ALA A 53 -2.60 4.59 16.53
C ALA A 53 -3.30 5.45 15.50
N VAL A 54 -4.41 4.97 14.93
CA VAL A 54 -5.22 5.69 13.97
C VAL A 54 -5.71 7.01 14.67
N ARG A 55 -6.21 6.84 15.89
CA ARG A 55 -6.68 8.04 16.65
C ARG A 55 -5.58 9.02 16.90
N PHE A 56 -4.43 8.59 17.39
CA PHE A 56 -3.28 9.48 17.61
C PHE A 56 -2.86 10.15 16.35
N THR A 57 -2.78 9.39 15.21
CA THR A 57 -2.34 9.97 13.98
C THR A 57 -3.31 11.06 13.52
N SER A 58 -4.59 10.74 13.63
CA SER A 58 -5.63 11.68 13.17
C SER A 58 -5.57 12.96 13.89
N LEU A 59 -5.09 12.93 15.10
CA LEU A 59 -4.91 14.19 15.98
C LEU A 59 -3.54 14.84 15.86
N GLY A 60 -2.69 14.28 15.03
CA GLY A 60 -1.35 14.78 14.86
C GLY A 60 -0.44 14.60 16.09
N LEU A 61 -0.69 13.66 16.96
CA LEU A 61 0.08 13.43 18.17
C LEU A 61 1.23 12.50 17.81
N LEU A 62 2.19 13.08 17.20
CA LEU A 62 3.28 12.35 16.49
C LEU A 62 4.58 13.04 16.82
N PRO A 63 5.69 12.31 16.82
CA PRO A 63 6.98 12.97 16.95
C PRO A 63 7.28 13.85 15.77
N ARG A 64 8.12 14.86 16.00
CA ARG A 64 8.61 15.80 14.97
C ARG A 64 9.23 15.02 13.83
N ALA A 65 8.81 15.31 12.60
CA ALA A 65 9.39 14.69 11.44
C ALA A 65 10.49 15.67 11.01
N ARG A 66 11.64 15.59 11.69
CA ARG A 66 12.79 16.48 11.44
C ARG A 66 13.37 16.41 9.98
N PHE A 67 13.38 15.22 9.37
CA PHE A 67 13.86 15.04 7.98
C PHE A 67 13.16 15.93 6.92
N GLN A 68 13.93 16.64 6.10
CA GLN A 68 13.37 17.52 5.06
C GLN A 68 13.66 16.91 3.73
N ASP A 69 12.60 16.72 2.94
CA ASP A 69 12.72 15.92 1.72
C ASP A 69 13.63 16.72 0.79
N SER A 70 14.72 16.08 0.36
CA SER A 70 15.57 16.70 -0.66
C SER A 70 15.00 16.48 -2.00
N ASP A 71 15.39 17.30 -2.95
CA ASP A 71 15.05 17.09 -4.31
C ASP A 71 15.40 15.70 -4.92
N MET A 72 16.40 15.00 -4.34
CA MET A 72 16.80 13.72 -4.97
C MET A 72 15.70 12.67 -4.72
N LEU A 73 14.81 13.01 -3.81
CA LEU A 73 13.72 12.00 -3.47
C LEU A 73 12.47 12.22 -4.28
N GLU A 74 12.36 13.28 -5.04
CA GLU A 74 11.14 13.53 -5.83
C GLU A 74 11.00 12.62 -7.04
N VAL A 75 9.84 12.11 -7.30
CA VAL A 75 9.50 11.29 -8.40
C VAL A 75 8.34 11.82 -9.12
N ARG A 76 8.34 11.74 -10.47
CA ARG A 76 7.18 11.98 -11.27
C ARG A 76 6.69 10.79 -11.98
N VAL A 77 5.52 10.34 -11.59
CA VAL A 77 4.88 9.19 -12.11
C VAL A 77 3.31 9.24 -12.00
N LEU A 78 2.53 8.46 -12.76
CA LEU A 78 1.07 8.36 -12.55
C LEU A 78 0.41 9.72 -12.73
N GLY A 79 1.07 10.60 -13.47
CA GLY A 79 0.43 11.92 -13.73
C GLY A 79 0.61 12.90 -12.61
N HIS A 80 1.50 12.56 -11.69
CA HIS A 80 1.72 13.38 -10.55
C HIS A 80 3.22 13.53 -10.08
N LYS A 81 3.50 14.60 -9.33
CA LYS A 81 4.69 14.76 -8.55
C LYS A 81 4.50 14.11 -7.21
N PHE A 82 5.54 13.34 -6.77
CA PHE A 82 5.57 12.81 -5.45
C PHE A 82 6.79 13.35 -4.72
N ARG A 83 6.65 14.10 -3.63
CA ARG A 83 7.71 14.76 -2.93
C ARG A 83 8.81 13.77 -2.47
N ASN A 84 8.37 12.58 -2.01
CA ASN A 84 9.29 11.46 -1.69
C ASN A 84 8.57 10.20 -2.10
N PRO A 85 9.30 9.07 -2.21
CA PRO A 85 8.68 7.86 -2.80
C PRO A 85 8.14 6.94 -1.76
N VAL A 86 8.03 7.33 -0.54
CA VAL A 86 7.63 6.43 0.57
C VAL A 86 6.17 6.69 1.01
N GLY A 87 5.31 5.73 0.78
CA GLY A 87 3.92 5.88 1.10
C GLY A 87 3.49 4.89 2.15
N ILE A 88 2.34 5.22 2.72
CA ILE A 88 1.61 4.31 3.64
C ILE A 88 0.77 3.35 2.87
N ALA A 89 0.97 2.07 3.10
CA ALA A 89 0.24 1.02 2.37
C ALA A 89 -1.22 0.97 2.83
N ALA A 90 -2.08 0.48 2.00
CA ALA A 90 -3.48 0.26 2.34
C ALA A 90 -3.58 -0.62 3.53
N GLY A 91 -4.59 -0.38 4.34
CA GLY A 91 -4.95 -1.14 5.49
C GLY A 91 -4.74 -0.37 6.76
N PHE A 92 -3.83 0.58 6.83
CA PHE A 92 -3.54 1.30 8.07
C PHE A 92 -4.73 2.27 8.18
N ASP A 93 -5.05 3.01 7.19
CA ASP A 93 -6.24 4.02 7.27
C ASP A 93 -7.30 3.40 6.30
N LYS A 94 -8.07 2.42 6.77
CA LYS A 94 -9.03 1.77 5.99
C LYS A 94 -10.16 2.71 5.54
N HIS A 95 -10.48 3.66 6.46
CA HIS A 95 -11.69 4.45 6.22
C HIS A 95 -11.45 5.90 6.06
N GLY A 96 -10.25 6.31 5.75
CA GLY A 96 -9.91 7.69 5.46
C GLY A 96 -10.03 8.67 6.62
N GLU A 97 -9.65 8.25 7.77
CA GLU A 97 -9.72 9.04 9.04
C GLU A 97 -8.45 9.75 9.40
N ALA A 98 -7.28 9.38 8.87
CA ALA A 98 -6.01 9.83 9.40
C ALA A 98 -5.09 10.43 8.31
N VAL A 99 -5.65 10.79 7.14
CA VAL A 99 -4.87 11.15 5.95
C VAL A 99 -3.91 12.26 6.29
N ASP A 100 -4.44 13.36 6.89
CA ASP A 100 -3.55 14.45 7.18
C ASP A 100 -2.40 14.19 8.18
N GLY A 101 -2.68 13.40 9.16
CA GLY A 101 -1.73 12.89 10.12
C GLY A 101 -0.68 12.04 9.46
N LEU A 102 -1.09 11.33 8.46
CA LEU A 102 -0.02 10.49 7.78
C LEU A 102 0.93 11.30 6.95
N TYR A 103 0.46 12.36 6.27
CA TYR A 103 1.40 13.31 5.66
C TYR A 103 2.31 13.97 6.69
N LYS A 104 1.73 14.29 7.85
CA LYS A 104 2.55 14.82 8.96
C LYS A 104 3.69 13.90 9.38
N MET A 105 3.42 12.57 9.32
CA MET A 105 4.40 11.55 9.62
C MET A 105 5.56 11.52 8.63
N GLY A 106 5.38 12.10 7.46
CA GLY A 106 6.41 12.28 6.44
C GLY A 106 6.26 11.35 5.21
N PHE A 107 5.11 10.75 5.07
CA PHE A 107 4.80 9.92 3.86
C PHE A 107 4.69 10.84 2.68
N GLY A 108 5.20 10.49 1.52
CA GLY A 108 5.09 11.23 0.26
C GLY A 108 3.77 11.08 -0.41
N PHE A 109 3.02 10.05 0.02
CA PHE A 109 1.72 9.76 -0.55
C PHE A 109 1.01 8.87 0.41
N VAL A 110 -0.33 8.94 0.38
CA VAL A 110 -1.18 8.19 1.26
C VAL A 110 -2.12 7.34 0.47
N GLU A 111 -2.39 6.09 0.85
CA GLU A 111 -3.37 5.25 0.25
C GLU A 111 -4.34 4.82 1.33
N ILE A 112 -5.63 5.08 1.18
CA ILE A 112 -6.64 4.57 2.09
C ILE A 112 -7.35 3.40 1.55
N GLY A 113 -8.08 2.72 2.42
CA GLY A 113 -8.82 1.50 2.08
C GLY A 113 -8.12 0.22 2.57
N SER A 114 -8.68 -0.93 2.18
CA SER A 114 -9.70 -1.08 1.14
C SER A 114 -11.08 -0.61 1.60
N VAL A 115 -11.85 0.01 0.72
CA VAL A 115 -13.28 0.44 0.95
C VAL A 115 -14.17 -0.46 0.18
N THR A 116 -15.25 -0.96 0.82
CA THR A 116 -16.24 -1.81 0.14
C THR A 116 -17.54 -0.96 -0.13
N PRO A 117 -18.32 -1.41 -1.03
CA PRO A 117 -19.53 -0.54 -1.33
C PRO A 117 -20.41 -0.30 -0.17
N LYS A 118 -20.84 -1.33 0.47
CA LYS A 118 -21.69 -1.24 1.68
C LYS A 118 -20.83 -1.39 2.87
N PRO A 119 -21.15 -0.80 4.02
CA PRO A 119 -20.47 -1.09 5.24
C PRO A 119 -20.45 -2.56 5.60
N GLN A 120 -19.35 -3.03 6.17
CA GLN A 120 -19.37 -4.39 6.65
C GLN A 120 -18.31 -4.61 7.74
N GLU A 121 -18.62 -5.53 8.65
CA GLU A 121 -17.87 -5.62 9.88
C GLU A 121 -16.49 -6.38 9.77
N GLY A 122 -16.43 -7.16 8.75
CA GLY A 122 -15.26 -8.07 8.61
C GLY A 122 -15.33 -9.26 9.53
N ASN A 123 -14.21 -10.01 9.68
CA ASN A 123 -14.28 -11.27 10.41
C ASN A 123 -14.32 -11.06 11.88
N PRO A 124 -14.78 -12.11 12.69
CA PRO A 124 -14.70 -12.05 14.19
C PRO A 124 -13.37 -11.91 14.81
N ARG A 125 -13.24 -11.30 15.95
CA ARG A 125 -12.06 -11.10 16.69
C ARG A 125 -11.65 -12.27 17.59
N PRO A 126 -10.36 -12.61 17.70
CA PRO A 126 -9.20 -11.85 17.19
C PRO A 126 -8.97 -12.23 15.71
N ARG A 127 -8.40 -11.22 15.01
CA ARG A 127 -8.24 -11.33 13.54
C ARG A 127 -6.88 -10.70 13.08
N VAL A 128 -6.05 -10.36 14.05
CA VAL A 128 -4.68 -9.86 13.72
C VAL A 128 -3.76 -10.27 14.86
N PHE A 129 -2.51 -10.64 14.49
CA PHE A 129 -1.60 -11.36 15.32
C PHE A 129 -0.20 -10.85 15.08
N ARG A 130 0.55 -10.51 16.12
CA ARG A 130 1.94 -10.10 15.99
C ARG A 130 2.83 -11.36 16.09
N LEU A 131 3.97 -11.34 15.29
CA LEU A 131 5.05 -12.37 15.29
C LEU A 131 6.31 -11.61 15.55
N PRO A 132 6.52 -11.15 16.81
CA PRO A 132 7.61 -10.24 17.03
C PRO A 132 9.06 -10.87 16.73
N GLU A 133 9.16 -12.16 16.95
CA GLU A 133 10.47 -12.85 16.70
C GLU A 133 10.76 -12.79 15.16
N ASP A 134 9.76 -12.57 14.33
CA ASP A 134 9.86 -12.57 12.90
C ASP A 134 9.75 -11.15 12.35
N GLN A 135 9.56 -10.10 13.14
CA GLN A 135 9.19 -8.81 12.67
C GLN A 135 8.05 -8.88 11.62
N ALA A 136 7.03 -9.67 11.90
CA ALA A 136 5.93 -9.94 11.00
C ALA A 136 4.56 -9.79 11.73
N VAL A 137 3.54 -9.70 10.93
CA VAL A 137 2.13 -9.73 11.37
C VAL A 137 1.41 -10.66 10.46
N ILE A 138 0.34 -11.35 11.04
CA ILE A 138 -0.63 -12.07 10.28
C ILE A 138 -2.04 -11.44 10.50
N ASN A 139 -2.74 -11.14 9.46
CA ASN A 139 -4.09 -10.56 9.61
C ASN A 139 -5.04 -11.32 8.76
N ARG A 140 -6.35 -11.32 9.30
CA ARG A 140 -7.49 -11.84 8.61
C ARG A 140 -8.66 -10.86 8.88
N TYR A 141 -8.46 -9.58 8.69
CA TYR A 141 -9.57 -8.63 8.99
C TYR A 141 -10.77 -8.91 8.11
N GLY A 142 -10.70 -9.32 6.85
CA GLY A 142 -11.82 -9.54 5.99
C GLY A 142 -12.51 -8.28 5.59
N PHE A 143 -11.80 -7.22 5.21
CA PHE A 143 -12.42 -6.01 4.65
C PHE A 143 -13.47 -5.43 5.61
N ASN A 144 -13.11 -5.22 6.83
CA ASN A 144 -13.87 -4.29 7.70
C ASN A 144 -13.94 -2.96 7.04
N SER A 145 -15.09 -2.36 6.83
CA SER A 145 -15.10 -1.10 6.11
C SER A 145 -16.35 -0.27 6.45
N HIS A 146 -16.13 1.00 6.67
CA HIS A 146 -17.26 2.00 6.87
C HIS A 146 -18.08 2.10 5.61
N GLY A 147 -17.68 1.65 4.43
CA GLY A 147 -18.36 1.67 3.20
C GLY A 147 -18.18 2.95 2.40
N LEU A 148 -18.54 2.95 1.12
CA LEU A 148 -18.28 4.02 0.18
C LEU A 148 -18.92 5.41 0.63
N SER A 149 -20.17 5.31 1.09
CA SER A 149 -20.84 6.60 1.37
C SER A 149 -20.17 7.39 2.50
N VAL A 150 -19.84 6.64 3.56
CA VAL A 150 -19.18 7.26 4.69
C VAL A 150 -17.80 7.83 4.30
N VAL A 151 -17.02 6.99 3.57
CA VAL A 151 -15.74 7.49 3.14
C VAL A 151 -15.79 8.65 2.17
N GLU A 152 -16.76 8.61 1.21
CA GLU A 152 -17.04 9.72 0.29
C GLU A 152 -17.21 11.05 1.07
N HIS A 153 -18.07 10.97 2.07
CA HIS A 153 -18.32 12.24 2.81
C HIS A 153 -17.12 12.73 3.59
N ARG A 154 -16.33 11.80 4.12
CA ARG A 154 -15.09 12.16 4.82
C ARG A 154 -14.10 12.79 3.92
N LEU A 155 -13.91 12.21 2.68
CA LEU A 155 -13.03 12.83 1.76
C LEU A 155 -13.52 14.17 1.23
N ARG A 156 -14.80 14.26 0.97
CA ARG A 156 -15.38 15.52 0.51
C ARG A 156 -15.12 16.67 1.51
N ALA A 157 -15.11 16.37 2.76
CA ALA A 157 -14.92 17.47 3.76
C ALA A 157 -13.55 18.07 3.72
N ARG A 158 -12.55 17.39 3.11
CA ARG A 158 -11.17 17.92 3.03
C ARG A 158 -10.71 17.88 1.54
N GLN A 159 -11.65 17.95 0.60
CA GLN A 159 -11.38 17.74 -0.83
C GLN A 159 -10.42 18.83 -1.31
N GLN A 160 -10.66 20.13 -0.98
CA GLN A 160 -9.73 21.14 -1.49
C GLN A 160 -8.41 21.21 -0.75
N LYS A 161 -8.34 20.88 0.52
CA LYS A 161 -7.12 20.65 1.30
C LYS A 161 -6.28 19.58 0.55
N GLN A 162 -6.97 18.52 0.11
CA GLN A 162 -6.26 17.47 -0.71
C GLN A 162 -5.80 17.95 -2.04
N ALA A 163 -6.60 18.81 -2.74
CA ALA A 163 -6.15 19.31 -3.99
C ALA A 163 -4.88 20.08 -3.84
N LYS A 164 -4.73 20.91 -2.77
CA LYS A 164 -3.53 21.66 -2.55
C LYS A 164 -2.29 20.72 -2.27
N LEU A 165 -2.56 19.72 -1.40
CA LEU A 165 -1.53 18.72 -1.07
C LEU A 165 -1.05 18.06 -2.35
N THR A 166 -1.95 17.58 -3.15
CA THR A 166 -1.65 16.92 -4.43
C THR A 166 -0.75 17.79 -5.31
N GLU A 167 -1.18 19.04 -5.44
CA GLU A 167 -0.34 20.03 -6.19
C GLU A 167 1.00 20.24 -5.61
N ASP A 168 1.19 20.16 -4.33
CA ASP A 168 2.41 20.34 -3.63
C ASP A 168 3.24 19.00 -3.57
N GLY A 169 2.78 17.96 -4.28
CA GLY A 169 3.59 16.73 -4.36
C GLY A 169 3.23 15.66 -3.35
N LEU A 170 1.99 15.72 -2.81
CA LEU A 170 1.54 14.79 -1.78
C LEU A 170 0.20 14.11 -2.19
N PRO A 171 0.18 13.19 -3.17
CA PRO A 171 -1.02 12.68 -3.66
C PRO A 171 -1.74 11.62 -2.78
N LEU A 172 -2.97 11.33 -3.13
CA LEU A 172 -3.86 10.43 -2.38
C LEU A 172 -4.34 9.34 -3.32
N GLY A 173 -4.20 8.08 -2.83
CA GLY A 173 -4.75 6.88 -3.49
C GLY A 173 -5.91 6.31 -2.69
N VAL A 174 -6.79 5.72 -3.39
CA VAL A 174 -7.98 5.00 -2.78
C VAL A 174 -8.03 3.58 -3.23
N ASN A 175 -8.03 2.64 -2.35
CA ASN A 175 -8.00 1.24 -2.63
C ASN A 175 -9.44 0.69 -2.44
N LEU A 176 -9.92 -0.01 -3.49
CA LEU A 176 -11.29 -0.50 -3.59
C LEU A 176 -11.39 -1.97 -3.37
N GLY A 177 -12.30 -2.45 -2.56
CA GLY A 177 -12.62 -3.83 -2.30
C GLY A 177 -14.05 -4.16 -2.70
N LYS A 178 -14.42 -5.41 -2.37
CA LYS A 178 -15.69 -6.02 -2.76
C LYS A 178 -16.34 -6.48 -1.45
N ASN A 179 -17.69 -6.34 -1.28
CA ASN A 179 -18.34 -6.90 -0.17
C ASN A 179 -18.37 -8.46 -0.21
N LYS A 180 -18.44 -8.97 0.99
CA LYS A 180 -18.41 -10.45 1.25
C LYS A 180 -19.54 -11.21 0.47
N THR A 181 -20.73 -10.63 0.50
CA THR A 181 -21.93 -11.27 -0.11
C THR A 181 -22.33 -10.67 -1.45
N SER A 182 -21.44 -9.89 -2.04
CA SER A 182 -21.67 -9.36 -3.40
C SER A 182 -21.88 -10.47 -4.38
N VAL A 183 -22.86 -10.30 -5.27
CA VAL A 183 -23.17 -11.27 -6.32
C VAL A 183 -22.59 -10.90 -7.69
N ASP A 184 -21.75 -9.84 -7.77
CA ASP A 184 -21.18 -9.37 -9.03
C ASP A 184 -19.99 -8.49 -8.63
N ALA A 185 -18.83 -9.11 -8.57
CA ALA A 185 -17.62 -8.43 -8.10
C ALA A 185 -17.29 -7.17 -8.92
N ALA A 186 -17.32 -7.28 -10.24
CA ALA A 186 -17.01 -6.15 -11.12
C ALA A 186 -17.98 -4.99 -10.84
N GLU A 187 -19.24 -5.25 -10.52
CA GLU A 187 -20.12 -4.12 -10.19
C GLU A 187 -19.70 -3.46 -8.87
N ASP A 188 -19.21 -4.24 -7.91
CA ASP A 188 -18.73 -3.61 -6.63
C ASP A 188 -17.58 -2.63 -6.99
N TYR A 189 -16.62 -3.07 -7.83
CA TYR A 189 -15.49 -2.22 -8.17
C TYR A 189 -15.96 -0.98 -8.94
N ALA A 190 -16.81 -1.21 -9.96
CA ALA A 190 -17.41 -0.10 -10.69
C ALA A 190 -18.05 0.96 -9.81
N GLU A 191 -18.79 0.52 -8.83
CA GLU A 191 -19.45 1.45 -7.89
C GLU A 191 -18.37 2.25 -7.18
N GLY A 192 -17.25 1.58 -6.76
CA GLY A 192 -16.19 2.34 -6.11
C GLY A 192 -15.51 3.40 -6.93
N VAL A 193 -15.31 3.08 -8.26
CA VAL A 193 -14.81 4.00 -9.20
C VAL A 193 -15.75 5.24 -9.30
N ARG A 194 -16.99 4.94 -9.43
CA ARG A 194 -17.97 6.08 -9.57
C ARG A 194 -17.99 6.97 -8.32
N VAL A 195 -17.92 6.33 -7.17
CA VAL A 195 -18.14 7.11 -5.90
C VAL A 195 -16.85 7.77 -5.42
N LEU A 196 -15.71 7.01 -5.37
CA LEU A 196 -14.48 7.55 -4.91
C LEU A 196 -13.43 7.96 -5.92
N GLY A 197 -13.60 7.44 -7.14
CA GLY A 197 -12.76 7.95 -8.18
C GLY A 197 -12.49 9.40 -8.35
N PRO A 198 -13.64 10.22 -8.21
CA PRO A 198 -13.45 11.62 -8.36
C PRO A 198 -12.75 12.35 -7.22
N LEU A 199 -12.45 11.62 -6.16
CA LEU A 199 -11.78 12.11 -5.00
C LEU A 199 -10.34 11.61 -4.87
N ALA A 200 -9.90 10.87 -5.85
CA ALA A 200 -8.59 10.20 -5.71
C ALA A 200 -7.63 10.59 -6.79
N ASP A 201 -6.31 10.57 -6.54
CA ASP A 201 -5.34 10.74 -7.59
C ASP A 201 -5.09 9.43 -8.28
N TYR A 202 -5.21 8.30 -7.54
CA TYR A 202 -5.21 6.97 -8.15
C TYR A 202 -6.13 6.10 -7.42
N LEU A 203 -6.65 5.11 -8.10
CA LEU A 203 -7.46 4.05 -7.59
C LEU A 203 -6.71 2.74 -7.64
N VAL A 204 -6.99 1.86 -6.73
CA VAL A 204 -6.41 0.52 -6.71
C VAL A 204 -7.46 -0.56 -6.75
N VAL A 205 -7.46 -1.44 -7.72
CA VAL A 205 -8.33 -2.60 -7.69
C VAL A 205 -7.61 -3.62 -7.03
N ASN A 206 -8.14 -3.83 -5.81
CA ASN A 206 -7.56 -4.86 -5.00
C ASN A 206 -8.08 -6.17 -5.26
N VAL A 207 -7.38 -7.00 -6.11
CA VAL A 207 -7.90 -8.32 -6.32
C VAL A 207 -6.98 -9.39 -5.61
N SER A 208 -6.29 -9.01 -4.52
CA SER A 208 -5.28 -9.91 -3.87
C SER A 208 -5.41 -10.12 -2.37
N SER A 209 -6.51 -9.55 -1.72
CA SER A 209 -6.70 -9.95 -0.32
C SER A 209 -6.81 -11.46 -0.19
N PRO A 210 -6.07 -12.01 0.77
CA PRO A 210 -6.33 -13.45 1.04
C PRO A 210 -7.48 -13.78 1.91
N ASN A 211 -8.21 -12.73 2.33
CA ASN A 211 -9.22 -12.87 3.40
C ASN A 211 -10.65 -12.67 2.92
N THR A 212 -10.87 -12.75 1.59
CA THR A 212 -12.28 -12.72 1.05
C THR A 212 -12.30 -13.87 0.07
N ALA A 213 -13.20 -14.83 0.35
CA ALA A 213 -13.33 -16.09 -0.44
C ALA A 213 -13.54 -15.74 -1.93
N GLY A 214 -12.76 -16.39 -2.79
CA GLY A 214 -12.87 -16.24 -4.22
C GLY A 214 -12.18 -15.01 -4.78
N LEU A 215 -11.74 -14.07 -3.92
CA LEU A 215 -11.32 -12.77 -4.46
C LEU A 215 -10.05 -12.89 -5.34
N ARG A 216 -9.11 -13.73 -4.91
CA ARG A 216 -7.88 -13.84 -5.66
C ARG A 216 -8.07 -14.52 -7.03
N SER A 217 -9.15 -15.30 -7.23
CA SER A 217 -9.46 -15.84 -8.57
C SER A 217 -9.74 -14.73 -9.60
N LEU A 218 -10.05 -13.50 -9.13
CA LEU A 218 -10.15 -12.36 -10.04
C LEU A 218 -8.86 -11.98 -10.71
N GLN A 219 -7.73 -12.50 -10.18
CA GLN A 219 -6.44 -12.33 -10.86
C GLN A 219 -6.29 -13.21 -12.15
N GLY A 220 -7.13 -14.23 -12.30
CA GLY A 220 -7.09 -15.07 -13.51
C GLY A 220 -7.28 -14.24 -14.74
N LYS A 221 -6.70 -14.71 -15.86
CA LYS A 221 -6.77 -13.91 -17.14
C LYS A 221 -8.15 -13.42 -17.59
N ALA A 222 -9.08 -14.35 -17.74
CA ALA A 222 -10.40 -14.06 -18.36
C ALA A 222 -11.21 -13.11 -17.40
N GLU A 223 -11.24 -13.47 -16.11
CA GLU A 223 -11.85 -12.64 -15.00
C GLU A 223 -11.20 -11.28 -14.86
N LEU A 224 -9.86 -11.16 -14.87
CA LEU A 224 -9.26 -9.87 -14.78
C LEU A 224 -9.61 -9.04 -16.03
N ARG A 225 -9.56 -9.61 -17.25
CA ARG A 225 -9.77 -8.79 -18.46
C ARG A 225 -11.19 -8.18 -18.43
N ARG A 226 -12.13 -9.04 -18.10
CA ARG A 226 -13.56 -8.58 -18.05
C ARG A 226 -13.70 -7.52 -16.93
N LEU A 227 -13.14 -7.79 -15.79
CA LEU A 227 -13.23 -6.91 -14.62
C LEU A 227 -12.57 -5.57 -14.96
N LEU A 228 -11.31 -5.58 -15.41
CA LEU A 228 -10.59 -4.40 -15.66
C LEU A 228 -11.18 -3.53 -16.77
N THR A 229 -11.68 -4.22 -17.84
CA THR A 229 -12.33 -3.45 -18.92
C THR A 229 -13.55 -2.61 -18.34
N LYS A 230 -14.29 -3.20 -17.47
CA LYS A 230 -15.45 -2.53 -16.84
C LYS A 230 -14.97 -1.37 -15.91
N VAL A 231 -13.89 -1.64 -15.16
CA VAL A 231 -13.31 -0.60 -14.31
C VAL A 231 -12.82 0.55 -15.09
N LEU A 232 -12.04 0.36 -16.18
CA LEU A 232 -11.49 1.35 -17.00
C LEU A 232 -12.59 2.16 -17.73
N GLN A 233 -13.63 1.50 -18.13
CA GLN A 233 -14.78 2.18 -18.86
C GLN A 233 -15.38 3.20 -17.84
N GLU A 234 -15.56 2.72 -16.62
CA GLU A 234 -16.18 3.58 -15.62
C GLU A 234 -15.30 4.75 -15.36
N ARG A 235 -13.96 4.55 -15.19
CA ARG A 235 -13.05 5.60 -14.96
C ARG A 235 -13.02 6.60 -16.04
N ASP A 236 -13.05 6.13 -17.31
CA ASP A 236 -12.93 7.02 -18.45
C ASP A 236 -14.23 7.92 -18.60
N GLY A 237 -15.29 7.43 -17.97
CA GLY A 237 -16.52 8.26 -17.94
C GLY A 237 -16.51 9.38 -16.94
N LEU A 238 -15.51 9.52 -16.13
CA LEU A 238 -15.42 10.63 -15.18
C LEU A 238 -14.90 11.81 -15.89
N ARG A 239 -15.35 13.02 -15.42
CA ARG A 239 -14.80 14.26 -15.96
C ARG A 239 -13.31 14.42 -15.79
N ARG A 240 -12.65 15.08 -16.78
CA ARG A 240 -11.16 15.03 -16.82
C ARG A 240 -10.47 15.41 -15.57
N VAL A 241 -10.86 16.47 -14.89
CA VAL A 241 -10.17 16.81 -13.65
C VAL A 241 -10.36 15.85 -12.48
N HIS A 242 -11.32 14.95 -12.60
CA HIS A 242 -11.71 13.98 -11.61
C HIS A 242 -11.41 12.55 -12.02
N ARG A 243 -10.52 12.35 -12.99
CA ARG A 243 -10.21 11.06 -13.59
C ARG A 243 -8.86 10.49 -13.02
N PRO A 244 -8.99 9.51 -12.17
CA PRO A 244 -7.76 8.97 -11.54
C PRO A 244 -7.03 7.97 -12.42
N ALA A 245 -5.76 7.78 -12.09
CA ALA A 245 -5.01 6.59 -12.57
C ALA A 245 -5.60 5.37 -11.92
N VAL A 246 -5.55 4.22 -12.61
CA VAL A 246 -6.07 2.96 -12.12
C VAL A 246 -4.88 1.96 -12.04
N LEU A 247 -4.67 1.39 -10.86
CA LEU A 247 -3.63 0.37 -10.59
C LEU A 247 -4.28 -0.92 -10.16
N VAL A 248 -3.59 -2.05 -10.37
CA VAL A 248 -4.07 -3.33 -9.90
C VAL A 248 -3.04 -3.82 -8.84
N LYS A 249 -3.54 -4.25 -7.69
CA LYS A 249 -2.71 -4.79 -6.60
C LYS A 249 -2.77 -6.29 -6.60
N ILE A 250 -1.56 -6.90 -6.67
CA ILE A 250 -1.43 -8.34 -6.83
C ILE A 250 -0.75 -8.96 -5.66
N ALA A 251 -1.00 -10.30 -5.61
CA ALA A 251 -0.48 -11.14 -4.58
C ALA A 251 0.96 -11.53 -4.78
N PRO A 252 1.66 -11.93 -3.75
CA PRO A 252 3.01 -12.49 -3.90
C PRO A 252 3.01 -13.97 -4.19
N ASP A 253 1.88 -14.60 -4.25
CA ASP A 253 1.67 -16.09 -4.32
C ASP A 253 1.26 -16.55 -5.71
N LEU A 254 1.51 -15.73 -6.67
CA LEU A 254 1.02 -16.04 -8.06
C LEU A 254 1.93 -17.05 -8.68
N THR A 255 1.29 -17.88 -9.51
CA THR A 255 2.13 -18.72 -10.39
C THR A 255 2.80 -17.92 -11.49
N SER A 256 3.83 -18.51 -12.17
CA SER A 256 4.37 -17.92 -13.34
C SER A 256 3.32 -17.62 -14.43
N GLN A 257 2.38 -18.51 -14.62
CA GLN A 257 1.33 -18.33 -15.61
C GLN A 257 0.43 -17.15 -15.26
N ASP A 258 0.10 -17.05 -13.95
CA ASP A 258 -0.73 -15.97 -13.50
C ASP A 258 0.00 -14.60 -13.72
N LYS A 259 1.30 -14.49 -13.43
CA LYS A 259 2.07 -13.28 -13.62
C LYS A 259 2.09 -12.89 -15.09
N GLU A 260 2.38 -13.91 -15.97
CA GLU A 260 2.40 -13.62 -17.40
C GLU A 260 1.02 -13.13 -17.93
N ASP A 261 -0.03 -13.72 -17.44
CA ASP A 261 -1.35 -13.37 -17.83
C ASP A 261 -1.66 -11.92 -17.36
N ILE A 262 -1.34 -11.61 -16.10
CA ILE A 262 -1.56 -10.24 -15.63
C ILE A 262 -0.88 -9.17 -16.43
N ALA A 263 0.41 -9.44 -16.77
CA ALA A 263 1.22 -8.54 -17.57
C ALA A 263 0.60 -8.37 -18.93
N SER A 264 0.13 -9.45 -19.56
CA SER A 264 -0.52 -9.38 -20.86
C SER A 264 -1.77 -8.50 -20.84
N VAL A 265 -2.56 -8.68 -19.81
CA VAL A 265 -3.85 -7.91 -19.68
C VAL A 265 -3.52 -6.48 -19.42
N VAL A 266 -2.59 -6.18 -18.52
CA VAL A 266 -2.26 -4.80 -18.22
C VAL A 266 -1.79 -4.04 -19.45
N LYS A 267 -1.01 -4.72 -20.28
CA LYS A 267 -0.54 -4.09 -21.56
C LYS A 267 -1.67 -3.90 -22.50
N GLU A 268 -2.49 -4.89 -22.70
CA GLU A 268 -3.62 -4.90 -23.63
C GLU A 268 -4.56 -3.75 -23.29
N LEU A 269 -4.86 -3.56 -22.00
CA LEU A 269 -5.85 -2.57 -21.66
C LEU A 269 -5.30 -1.20 -21.27
N GLY A 270 -4.02 -0.99 -21.10
CA GLY A 270 -3.44 0.26 -20.72
C GLY A 270 -3.70 0.61 -19.25
N ILE A 271 -3.71 -0.44 -18.41
CA ILE A 271 -3.71 -0.21 -16.92
C ILE A 271 -2.56 0.67 -16.60
N ASP A 272 -2.70 1.63 -15.66
CA ASP A 272 -1.77 2.62 -15.42
C ASP A 272 -0.52 2.20 -14.53
N GLY A 273 -0.76 1.17 -13.71
CA GLY A 273 0.29 0.73 -12.84
C GLY A 273 -0.09 -0.48 -12.05
N LEU A 274 0.91 -1.04 -11.34
CA LEU A 274 0.71 -2.23 -10.48
C LEU A 274 1.21 -1.90 -9.09
N ILE A 275 0.52 -2.47 -8.08
CA ILE A 275 0.99 -2.47 -6.70
C ILE A 275 1.42 -3.98 -6.40
N VAL A 276 2.68 -4.09 -5.95
CA VAL A 276 3.30 -5.40 -5.83
C VAL A 276 4.07 -5.35 -4.50
N THR A 277 3.58 -6.00 -3.45
CA THR A 277 2.54 -6.99 -3.33
C THR A 277 1.65 -6.79 -2.11
N ASN A 278 0.55 -7.50 -2.14
CA ASN A 278 -0.29 -7.77 -0.93
C ASN A 278 0.47 -8.75 0.01
N THR A 279 -0.21 -9.15 1.09
CA THR A 279 0.28 -10.15 2.03
C THR A 279 0.32 -11.52 1.38
N THR A 280 1.13 -12.42 1.98
CA THR A 280 1.27 -13.79 1.54
C THR A 280 0.48 -14.81 2.41
N VAL A 281 -0.12 -15.75 1.69
CA VAL A 281 -0.74 -16.95 2.32
C VAL A 281 0.30 -18.00 2.59
N SER A 282 1.47 -17.86 2.09
CA SER A 282 2.58 -18.78 2.40
C SER A 282 3.07 -18.59 3.80
N ARG A 283 3.84 -19.58 4.32
CA ARG A 283 4.49 -19.46 5.57
C ARG A 283 5.93 -19.94 5.30
N PRO A 284 6.76 -18.96 4.98
CA PRO A 284 8.19 -19.31 4.70
C PRO A 284 8.75 -20.08 5.80
N ALA A 285 9.65 -21.03 5.44
CA ALA A 285 10.34 -21.74 6.43
C ALA A 285 11.11 -20.83 7.34
N GLY A 286 11.20 -21.14 8.60
CA GLY A 286 11.92 -20.37 9.53
C GLY A 286 11.19 -19.50 10.49
N LEU A 287 9.86 -19.29 10.22
CA LEU A 287 9.15 -18.48 11.15
C LEU A 287 9.17 -19.01 12.56
N GLN A 288 9.36 -18.15 13.51
CA GLN A 288 9.49 -18.50 14.92
C GLN A 288 8.30 -18.16 15.78
N GLY A 289 7.52 -17.15 15.39
CA GLY A 289 6.42 -16.73 16.24
C GLY A 289 5.45 -17.87 16.57
N ALA A 290 4.99 -17.75 17.83
CA ALA A 290 4.02 -18.76 18.28
C ALA A 290 2.77 -18.81 17.44
N LEU A 291 2.41 -17.66 16.85
CA LEU A 291 1.20 -17.46 16.11
C LEU A 291 1.30 -17.75 14.58
N ARG A 292 2.45 -18.30 14.16
CA ARG A 292 2.74 -18.55 12.72
C ARG A 292 1.72 -19.29 11.97
N SER A 293 0.93 -20.18 12.64
CA SER A 293 0.01 -20.99 11.94
C SER A 293 -1.47 -20.42 11.99
N GLU A 294 -1.62 -19.21 12.46
CA GLU A 294 -2.91 -18.51 12.30
C GLU A 294 -3.21 -18.34 10.87
N THR A 295 -4.50 -18.47 10.46
CA THR A 295 -4.95 -18.21 9.15
C THR A 295 -4.90 -16.64 8.88
N GLY A 296 -4.44 -16.30 7.67
CA GLY A 296 -4.45 -14.94 7.17
C GLY A 296 -3.27 -14.60 6.34
N GLY A 297 -3.14 -13.34 6.02
CA GLY A 297 -2.01 -12.87 5.21
C GLY A 297 -0.90 -12.43 6.08
N LEU A 298 0.37 -12.86 5.72
CA LEU A 298 1.57 -12.52 6.39
C LEU A 298 2.27 -11.33 5.76
N SER A 299 2.66 -10.39 6.64
CA SER A 299 3.37 -9.17 6.22
C SER A 299 4.64 -8.97 7.01
N GLY A 300 5.46 -7.95 6.65
CA GLY A 300 6.68 -7.68 7.32
C GLY A 300 7.90 -8.41 6.81
N LYS A 301 8.92 -8.55 7.59
CA LYS A 301 10.20 -9.05 7.11
C LYS A 301 10.18 -10.31 6.33
N PRO A 302 9.35 -11.33 6.69
CA PRO A 302 9.41 -12.55 5.92
C PRO A 302 8.83 -12.47 4.56
N LEU A 303 8.06 -11.43 4.20
CA LEU A 303 7.49 -11.21 2.92
C LEU A 303 8.49 -10.38 2.06
N ARG A 304 9.48 -9.76 2.59
CA ARG A 304 10.30 -8.75 1.90
C ARG A 304 10.78 -9.23 0.53
N ASP A 305 11.62 -10.32 0.57
CA ASP A 305 12.23 -10.69 -0.72
C ASP A 305 11.35 -11.44 -1.66
N LEU A 306 10.25 -12.09 -1.21
CA LEU A 306 9.28 -12.57 -2.08
C LEU A 306 8.62 -11.44 -2.84
N SER A 307 8.31 -10.32 -2.20
CA SER A 307 7.76 -9.14 -2.84
C SER A 307 8.71 -8.47 -3.80
N THR A 308 9.98 -8.35 -3.42
CA THR A 308 11.04 -7.74 -4.30
C THR A 308 11.16 -8.58 -5.58
N GLN A 309 11.15 -9.89 -5.41
CA GLN A 309 11.19 -10.78 -6.58
C GLN A 309 10.07 -10.70 -7.48
N THR A 310 8.88 -10.46 -6.96
CA THR A 310 7.64 -10.30 -7.71
C THR A 310 7.70 -9.00 -8.51
N ILE A 311 8.19 -7.90 -7.91
CA ILE A 311 8.47 -6.62 -8.55
C ILE A 311 9.40 -6.83 -9.74
N ARG A 312 10.51 -7.58 -9.50
CA ARG A 312 11.47 -7.76 -10.53
C ARG A 312 10.83 -8.41 -11.74
N GLU A 313 10.11 -9.49 -11.51
CA GLU A 313 9.44 -10.25 -12.56
C GLU A 313 8.41 -9.44 -13.31
N MET A 314 7.60 -8.68 -12.59
CA MET A 314 6.57 -7.86 -13.22
C MET A 314 7.16 -6.71 -14.03
N TYR A 315 8.23 -6.12 -13.59
CA TYR A 315 8.95 -5.09 -14.34
C TYR A 315 9.46 -5.65 -15.66
N ALA A 316 10.11 -6.81 -15.58
CA ALA A 316 10.53 -7.43 -16.83
C ALA A 316 9.46 -7.78 -17.74
N LEU A 317 8.40 -8.37 -17.32
CA LEU A 317 7.26 -8.78 -18.14
C LEU A 317 6.53 -7.61 -18.77
N THR A 318 6.57 -6.47 -18.11
CA THR A 318 5.98 -5.24 -18.66
C THR A 318 6.98 -4.35 -19.37
N GLN A 319 8.25 -4.76 -19.60
CA GLN A 319 9.25 -3.98 -20.28
C GLN A 319 9.57 -2.71 -19.69
N GLY A 320 9.41 -2.61 -18.37
CA GLY A 320 9.72 -1.42 -17.68
C GLY A 320 8.78 -0.21 -17.99
N ARG A 321 7.71 -0.45 -18.69
CA ARG A 321 6.79 0.58 -19.22
C ARG A 321 5.59 0.84 -18.28
N VAL A 322 5.42 0.02 -17.23
CA VAL A 322 4.25 0.11 -16.34
C VAL A 322 4.75 0.49 -14.94
N PRO A 323 4.38 1.59 -14.39
CA PRO A 323 4.86 1.97 -13.08
C PRO A 323 4.41 0.93 -12.01
N ILE A 324 5.34 0.66 -11.10
CA ILE A 324 5.12 -0.25 -10.00
C ILE A 324 5.33 0.47 -8.68
N ILE A 325 4.34 0.23 -7.79
CA ILE A 325 4.50 0.64 -6.36
C ILE A 325 4.91 -0.64 -5.61
N GLY A 326 6.08 -0.63 -5.04
CA GLY A 326 6.59 -1.80 -4.37
C GLY A 326 6.32 -1.81 -2.91
N VAL A 327 5.83 -2.95 -2.39
CA VAL A 327 5.41 -3.03 -0.99
C VAL A 327 5.61 -4.44 -0.42
N GLY A 328 6.04 -4.56 0.77
CA GLY A 328 6.20 -5.79 1.49
C GLY A 328 7.49 -5.89 2.16
N GLY A 329 7.49 -5.73 3.49
CA GLY A 329 8.66 -5.86 4.28
C GLY A 329 9.67 -4.71 4.15
N VAL A 330 9.29 -3.50 3.88
CA VAL A 330 10.21 -2.37 3.86
C VAL A 330 10.33 -1.80 5.23
N SER A 331 11.52 -1.79 5.82
CA SER A 331 11.73 -1.14 7.13
C SER A 331 13.06 -0.35 7.17
N SER A 332 13.77 -0.20 6.06
CA SER A 332 14.97 0.54 5.93
C SER A 332 15.15 1.08 4.51
N GLY A 333 16.12 2.00 4.41
CA GLY A 333 16.49 2.53 3.17
C GLY A 333 17.01 1.50 2.16
N GLN A 334 17.80 0.58 2.72
CA GLN A 334 18.19 -0.53 1.86
C GLN A 334 17.03 -1.30 1.31
N ASP A 335 16.03 -1.61 2.13
CA ASP A 335 14.94 -2.38 1.63
C ASP A 335 14.19 -1.57 0.52
N ALA A 336 14.04 -0.25 0.74
CA ALA A 336 13.36 0.58 -0.25
C ALA A 336 14.16 0.59 -1.62
N LEU A 337 15.49 0.80 -1.50
CA LEU A 337 16.37 0.86 -2.67
C LEU A 337 16.42 -0.44 -3.44
N GLU A 338 16.31 -1.56 -2.72
CA GLU A 338 16.26 -2.87 -3.40
C GLU A 338 15.02 -2.94 -4.25
N LYS A 339 13.86 -2.50 -3.73
CA LYS A 339 12.65 -2.54 -4.51
C LYS A 339 12.68 -1.55 -5.71
N ILE A 340 13.23 -0.38 -5.50
CA ILE A 340 13.40 0.62 -6.57
C ILE A 340 14.29 0.09 -7.69
N ARG A 341 15.43 -0.48 -7.29
CA ARG A 341 16.36 -1.08 -8.26
C ARG A 341 15.77 -2.24 -9.01
N ALA A 342 14.85 -3.01 -8.36
CA ALA A 342 14.16 -4.12 -9.03
C ALA A 342 13.01 -3.70 -10.01
N GLY A 343 12.62 -2.41 -9.91
CA GLY A 343 11.62 -1.87 -10.75
C GLY A 343 10.55 -0.99 -10.16
N ALA A 344 10.55 -0.79 -8.87
CA ALA A 344 9.53 0.14 -8.26
C ALA A 344 9.83 1.56 -8.47
N SER A 345 8.80 2.32 -8.88
CA SER A 345 8.91 3.75 -8.87
C SER A 345 8.70 4.46 -7.51
N LEU A 346 7.87 3.83 -6.68
CA LEU A 346 7.51 4.26 -5.39
C LEU A 346 7.45 3.01 -4.45
N VAL A 347 7.52 3.21 -3.17
CA VAL A 347 7.36 2.12 -2.22
C VAL A 347 6.38 2.44 -1.16
N GLN A 348 5.80 1.46 -0.53
CA GLN A 348 4.93 1.66 0.61
C GLN A 348 5.32 0.74 1.76
N LEU A 349 4.95 1.10 3.00
CA LEU A 349 5.16 0.23 4.10
C LEU A 349 3.94 0.31 5.05
N TYR A 350 3.73 -0.71 5.84
CA TYR A 350 2.75 -0.70 6.95
C TYR A 350 3.38 -1.39 8.14
N THR A 351 3.73 -2.66 8.09
CA THR A 351 4.07 -3.45 9.23
C THR A 351 5.26 -2.89 9.98
N ALA A 352 6.22 -2.20 9.36
CA ALA A 352 7.33 -1.61 10.06
C ALA A 352 6.87 -0.66 11.12
N LEU A 353 5.74 -0.01 10.91
CA LEU A 353 5.19 0.87 12.07
C LEU A 353 4.84 0.20 13.28
N THR A 354 4.32 -1.02 13.23
CA THR A 354 4.04 -1.84 14.40
CA THR A 354 4.00 -1.77 14.41
C THR A 354 5.20 -2.01 15.32
N PHE A 355 6.40 -2.15 14.74
CA PHE A 355 7.54 -2.43 15.45
C PHE A 355 8.33 -1.20 15.74
N TRP A 356 8.52 -0.26 14.83
CA TRP A 356 9.45 0.87 14.96
C TRP A 356 8.68 2.15 15.26
N GLY A 357 7.41 2.28 14.97
CA GLY A 357 6.64 3.46 15.06
C GLY A 357 6.96 4.53 14.10
N PRO A 358 6.35 5.69 14.17
CA PRO A 358 6.51 6.79 13.20
C PRO A 358 7.90 7.19 12.78
N PRO A 359 8.91 7.12 13.70
CA PRO A 359 10.24 7.50 13.24
C PRO A 359 10.84 6.67 12.09
N VAL A 360 10.28 5.50 11.87
CA VAL A 360 10.72 4.63 10.76
C VAL A 360 10.64 5.35 9.42
N VAL A 361 9.66 6.24 9.26
CA VAL A 361 9.44 6.91 8.01
C VAL A 361 10.69 7.74 7.61
N GLY A 362 11.08 8.63 8.53
CA GLY A 362 12.25 9.49 8.28
C GLY A 362 13.52 8.66 8.17
N LYS A 363 13.58 7.58 8.92
CA LYS A 363 14.73 6.64 8.89
C LYS A 363 14.88 6.09 7.46
N VAL A 364 13.82 5.56 6.88
CA VAL A 364 13.84 5.05 5.53
C VAL A 364 14.29 6.07 4.55
N LYS A 365 13.70 7.28 4.62
CA LYS A 365 14.03 8.32 3.72
C LYS A 365 15.51 8.76 3.80
N ARG A 366 15.99 8.94 5.02
CA ARG A 366 17.39 9.39 5.24
C ARG A 366 18.35 8.37 4.71
N GLU A 367 18.07 7.12 5.02
CA GLU A 367 18.94 6.01 4.60
C GLU A 367 18.92 5.89 3.07
N LEU A 368 17.72 6.02 2.44
CA LEU A 368 17.58 5.90 1.03
C LEU A 368 18.40 6.96 0.31
N GLU A 369 18.30 8.20 0.79
CA GLU A 369 19.06 9.36 0.21
C GLU A 369 20.57 8.98 0.29
N ALA A 370 21.04 8.56 1.41
CA ALA A 370 22.46 8.16 1.62
C ALA A 370 22.92 7.15 0.66
N LEU A 371 22.12 6.10 0.45
CA LEU A 371 22.50 5.03 -0.41
C LEU A 371 22.48 5.39 -1.84
N LEU A 372 21.52 6.25 -2.26
CA LEU A 372 21.48 6.70 -3.60
C LEU A 372 22.80 7.44 -3.95
N LYS A 373 23.23 8.26 -3.01
CA LYS A 373 24.52 9.07 -3.24
C LYS A 373 25.65 8.08 -3.30
N GLU A 374 25.70 7.09 -2.43
CA GLU A 374 26.81 6.09 -2.41
C GLU A 374 26.91 5.27 -3.65
N GLN A 375 25.79 4.99 -4.30
CA GLN A 375 25.69 4.15 -5.48
C GLN A 375 25.74 4.89 -6.82
N GLY A 376 25.91 6.17 -6.71
CA GLY A 376 26.14 7.12 -7.81
C GLY A 376 24.87 7.46 -8.60
N PHE A 377 23.73 7.42 -7.91
CA PHE A 377 22.52 7.86 -8.56
C PHE A 377 22.23 9.33 -8.23
N GLY A 378 21.82 10.10 -9.25
CA GLY A 378 21.49 11.50 -9.02
C GLY A 378 20.17 11.71 -8.29
N GLY A 379 19.31 10.70 -8.36
CA GLY A 379 18.09 10.72 -7.55
C GLY A 379 17.44 9.37 -7.68
N VAL A 380 16.23 9.28 -7.07
CA VAL A 380 15.45 8.07 -7.10
C VAL A 380 15.18 7.67 -8.47
N THR A 381 14.75 8.65 -9.35
CA THR A 381 14.41 8.34 -10.67
C THR A 381 15.46 7.51 -11.51
N ASP A 382 16.70 7.86 -11.29
CA ASP A 382 17.83 7.19 -11.94
C ASP A 382 18.01 5.78 -11.49
N ALA A 383 17.47 5.45 -10.30
CA ALA A 383 17.66 4.07 -9.68
C ALA A 383 16.54 3.10 -10.14
N ILE A 384 15.39 3.65 -10.59
CA ILE A 384 14.26 2.77 -10.96
C ILE A 384 14.64 1.77 -12.01
N GLY A 385 14.54 0.47 -11.71
CA GLY A 385 14.89 -0.58 -12.61
C GLY A 385 16.41 -0.78 -12.86
N ALA A 386 17.23 -0.15 -12.09
CA ALA A 386 18.74 -0.11 -12.36
C ALA A 386 19.24 -1.53 -12.41
N ASP A 387 18.66 -2.51 -11.70
CA ASP A 387 19.25 -3.85 -11.72
C ASP A 387 19.05 -4.54 -13.05
N HIS A 388 18.08 -4.15 -13.88
CA HIS A 388 17.80 -4.79 -15.16
C HIS A 388 18.75 -4.28 -16.24
N ARG A 389 19.38 -3.18 -15.97
CA ARG A 389 20.36 -2.52 -16.91
C ARG A 389 21.82 -2.83 -16.48
N1 FMN B . -3.91 -4.23 1.49
C2 FMN B . -4.91 -3.83 0.73
O2 FMN B . -4.86 -3.72 -0.49
N3 FMN B . -6.13 -3.56 1.39
C4 FMN B . -6.32 -3.70 2.67
O4 FMN B . -7.48 -3.38 3.23
C4A FMN B . -5.29 -4.16 3.54
N5 FMN B . -5.42 -4.37 4.88
C5A FMN B . -4.30 -4.72 5.61
C6 FMN B . -4.35 -4.87 6.98
C7 FMN B . -3.32 -5.20 7.76
C7M FMN B . -3.40 -5.31 9.26
C8 FMN B . -2.07 -5.39 7.14
C8M FMN B . -0.80 -5.73 7.90
C9 FMN B . -1.95 -5.28 5.73
C9A FMN B . -3.03 -4.92 4.93
N10 FMN B . -3.02 -4.82 3.54
C10 FMN B . -4.05 -4.41 2.77
C1' FMN B . -1.69 -5.12 2.89
C2' FMN B . -0.68 -3.99 2.89
O2' FMN B . -1.16 -2.89 2.14
C3' FMN B . 0.69 -4.39 2.30
O3' FMN B . 0.43 -4.80 0.93
C4' FMN B . 1.31 -5.57 3.07
O4' FMN B . 1.04 -5.57 4.47
C5' FMN B . 2.85 -5.64 2.82
O5' FMN B . 3.51 -4.48 3.35
P FMN B . 4.18 -4.45 4.80
O1P FMN B . 5.07 -5.71 4.91
O2P FMN B . 4.98 -3.20 4.78
O3P FMN B . 3.08 -4.48 5.82
N1 ORO C . -7.13 -7.06 3.00
C2 ORO C . -6.00 -7.02 2.09
O2 ORO C . -6.03 -6.70 0.86
N3 ORO C . -4.84 -7.63 2.55
C4 ORO C . -4.72 -8.07 3.80
O4 ORO C . -3.68 -8.63 4.25
C5 ORO C . -5.74 -8.00 4.68
C6 ORO C . -6.89 -7.32 4.30
C7 ORO C . -8.13 -7.58 5.15
O71 ORO C . -8.25 -8.76 5.63
O72 ORO C . -9.01 -6.72 5.22
S SO4 D . -15.27 19.84 -12.60
O1 SO4 D . -15.40 18.43 -13.19
O2 SO4 D . -15.04 19.89 -11.13
O3 SO4 D . -14.11 20.31 -13.39
O4 SO4 D . -16.48 20.70 -12.86
S SO4 E . -13.47 -0.94 12.27
O1 SO4 E . -13.19 -1.85 13.42
O2 SO4 E . -12.14 -0.24 11.83
O3 SO4 E . -14.31 0.25 12.69
O4 SO4 E . -14.30 -1.60 11.20
C ACT F . -16.00 11.35 10.98
O ACT F . -15.49 11.46 12.11
OXT ACT F . -15.44 11.91 10.03
CH3 ACT F . -17.26 10.60 10.82
C ACT G . -0.98 -22.33 -13.55
O ACT G . -0.04 -22.99 -13.13
OXT ACT G . -1.60 -22.61 -14.62
CH3 ACT G . -1.43 -21.10 -12.88
C2 7GF H . 0.32 5.73 20.07
N3 7GF H . -0.35 4.96 19.42
C4 7GF H . 0.71 6.49 22.21
C1 7GF H . 1.02 6.55 20.78
O5 7GF H . 1.38 7.14 23.00
O6 7GF H . -0.19 5.55 22.58
C7 7GF H . -0.54 5.55 24.01
C8 7GF H . 1.84 7.48 20.33
N9 7GF H . 2.23 7.65 19.06
C10 7GF H . 3.08 8.68 18.82
C11 7GF H . 3.35 9.61 20.05
S12 7GF H . 2.69 8.68 21.32
C13 7GF H . 2.00 6.80 17.93
C14 7GF H . 1.34 7.27 16.79
C15 7GF H . 1.18 6.47 15.63
C16 7GF H . 1.76 5.25 15.73
C17 7GF H . 2.44 4.71 16.71
C18 7GF H . 2.61 5.52 17.88
BR 7GF H . 1.75 4.21 14.06
O20 7GF H . 3.63 8.89 17.66
#